data_4OG5
#
_entry.id   4OG5
#
_cell.length_a   48.663
_cell.length_b   80.131
_cell.length_c   124.464
_cell.angle_alpha   90.00
_cell.angle_beta   90.00
_cell.angle_gamma   90.00
#
_symmetry.space_group_name_H-M   'P 21 21 21'
#
loop_
_entity.id
_entity.type
_entity.pdbx_description
1 polymer Menin
2 non-polymer 4-(3-{4-[(S)-cyclopentyl(hydroxy)pyridin-2-ylmethyl]piperidin-1-yl}propoxy)benzonitrile
3 non-polymer 'SULFATE ION'
4 non-polymer 'TETRAETHYLENE GLYCOL'
5 non-polymer DI(HYDROXYETHYL)ETHER
6 non-polymer 'DIMETHYL SULFOXIDE'
7 non-polymer 'TERT-BUTYL FORMATE'
8 water water
#
_entity_poly.entity_id   1
_entity_poly.type   'polypeptide(L)'
_entity_poly.pdbx_seq_one_letter_code
;GGSSSMGLKAAQKTLFPLRSIDDVVRLFAAELGREEPDLVLLSLVLGFVEHFLAVNRVGLTYFPVADLSIIAALYARFTA
QIRGAVDLSLYPREGGVSSRELVKKVSDVIWNSLSRSYFKDRAHIQSLFSFITGTKLDSSGVAFAVVGACQALGLRDVHL
ALSEDHAWVVFGPNGEQTAEVTWHGKGNEDRRGQTVNAGVAERSWLYLKGSYMRCDRKMEVAFMVCAINPSIDLHTDSLE
LLQLQQKLLWLLYDLGHLERYPMALGNLADLEELEPTPGRPDPLTLYHKGIASAKTYYRDEHIYPYMYLAGYHCRNRNVR
EALQAWADTATVIQDYNYCREDEEIYKEFFEVANDVIPNLLKEAASLLEAGSQGSALQDPECFAHLLRFYDGICKWEEGS
PTPVLHVGWATFLVQSLGRFEGQVRQKVRIVSVPAPVLTFQSEKMKGMKELLVATKINSSAIKLQLTAQSQVQMKKQKVS
;
_entity_poly.pdbx_strand_id   A
#
loop_
_chem_comp.id
_chem_comp.type
_chem_comp.name
_chem_comp.formula
2S7 non-polymer 4-(3-{4-[(S)-cyclopentyl(hydroxy)pyridin-2-ylmethyl]piperidin-1-yl}propoxy)benzonitrile 'C26 H33 N3 O2'
DMS non-polymer 'DIMETHYL SULFOXIDE' 'C2 H6 O S'
PEG non-polymer DI(HYDROXYETHYL)ETHER 'C4 H10 O3'
PG4 non-polymer 'TETRAETHYLENE GLYCOL' 'C8 H18 O5'
SO4 non-polymer 'SULFATE ION' 'O4 S -2'
TBF non-polymer 'TERT-BUTYL FORMATE' 'C5 H10 O2'
#
# COMPACT_ATOMS: atom_id res chain seq x y z
N GLY A 7 25.56 16.14 14.52
CA GLY A 7 26.05 17.27 13.67
C GLY A 7 25.08 17.68 12.56
N LEU A 8 24.05 18.43 12.92
CA LEU A 8 23.29 19.23 11.91
C LEU A 8 24.20 20.37 11.46
N LYS A 9 24.13 20.70 10.19
CA LYS A 9 24.96 21.69 9.57
C LYS A 9 24.32 23.05 9.73
N ALA A 10 25.14 24.10 9.69
CA ALA A 10 24.61 25.44 9.85
C ALA A 10 23.46 25.72 8.86
N ALA A 11 23.59 25.29 7.62
CA ALA A 11 22.60 25.58 6.58
C ALA A 11 21.27 24.88 6.82
N GLN A 12 21.31 23.77 7.53
CA GLN A 12 20.07 23.11 7.89
C GLN A 12 19.28 23.78 9.01
N LYS A 13 19.89 24.71 9.72
CA LYS A 13 19.29 25.28 10.93
C LYS A 13 18.63 26.64 10.66
N THR A 14 18.86 27.23 9.49
CA THR A 14 18.47 28.64 9.23
C THR A 14 16.97 28.88 9.08
N LEU A 15 16.22 27.88 8.66
CA LEU A 15 14.75 28.05 8.63
C LEU A 15 14.04 27.97 9.97
N PHE A 16 14.71 27.48 11.01
CA PHE A 16 14.05 27.39 12.32
C PHE A 16 13.86 28.77 12.96
N PRO A 17 12.77 28.98 13.72
CA PRO A 17 11.74 27.99 14.08
C PRO A 17 10.76 27.82 12.97
N LEU A 18 10.15 26.64 12.89
CA LEU A 18 9.13 26.39 11.92
C LEU A 18 7.82 26.77 12.55
N ARG A 19 7.13 27.77 11.99
CA ARG A 19 5.93 28.29 12.65
C ARG A 19 4.64 27.97 11.95
N SER A 20 4.72 27.22 10.85
CA SER A 20 3.58 26.93 10.04
C SER A 20 3.84 25.76 9.13
N ILE A 21 2.73 25.26 8.58
CA ILE A 21 2.79 24.24 7.58
C ILE A 21 3.75 24.65 6.47
N ASP A 22 3.63 25.88 5.95
CA ASP A 22 4.47 26.28 4.85
C ASP A 22 5.95 26.36 5.26
N ASP A 23 6.24 26.68 6.51
CA ASP A 23 7.64 26.64 6.99
C ASP A 23 8.18 25.19 6.95
N VAL A 24 7.35 24.22 7.34
CA VAL A 24 7.77 22.82 7.22
C VAL A 24 8.04 22.50 5.75
N VAL A 25 7.12 22.93 4.85
CA VAL A 25 7.31 22.65 3.42
C VAL A 25 8.66 23.24 2.95
N ARG A 26 8.97 24.46 3.42
CA ARG A 26 10.26 25.11 3.05
C ARG A 26 11.44 24.28 3.49
N LEU A 27 11.34 23.67 4.66
CA LEU A 27 12.43 22.85 5.16
C LEU A 27 12.62 21.62 4.25
N PHE A 28 11.50 21.00 3.89
CA PHE A 28 11.58 19.85 3.00
C PHE A 28 12.17 20.23 1.64
N ALA A 29 11.80 21.39 1.13
CA ALA A 29 12.30 21.81 -0.15
C ALA A 29 13.79 22.05 -0.05
N ALA A 30 14.23 22.63 1.07
CA ALA A 30 15.66 22.91 1.20
C ALA A 30 16.43 21.58 1.29
N GLU A 31 15.94 20.66 2.09
CA GLU A 31 16.62 19.37 2.23
C GLU A 31 16.63 18.57 0.93
N LEU A 32 15.55 18.67 0.17
CA LEU A 32 15.46 17.92 -1.06
C LEU A 32 16.39 18.50 -2.11
N GLY A 33 16.81 19.74 -1.95
CA GLY A 33 17.77 20.38 -2.87
C GLY A 33 19.21 20.12 -2.49
N ARG A 34 19.41 19.46 -1.36
CA ARG A 34 20.74 19.07 -0.89
C ARG A 34 21.15 17.78 -1.55
N GLU A 35 22.45 17.55 -1.52
CA GLU A 35 23.02 16.34 -2.07
C GLU A 35 22.25 15.15 -1.52
N GLU A 36 22.01 15.14 -0.20
CA GLU A 36 21.31 14.07 0.49
C GLU A 36 20.36 14.69 1.54
N PRO A 37 19.04 14.57 1.33
CA PRO A 37 18.11 15.01 2.35
C PRO A 37 18.30 14.25 3.65
N ASP A 38 18.26 14.98 4.76
CA ASP A 38 18.60 14.44 6.07
C ASP A 38 17.31 13.77 6.58
N LEU A 39 17.26 12.43 6.47
CA LEU A 39 16.09 11.68 6.84
C LEU A 39 15.73 11.78 8.36
N VAL A 40 16.75 11.85 9.18
CA VAL A 40 16.65 11.92 10.67
C VAL A 40 15.95 13.27 10.99
N LEU A 41 16.50 14.35 10.47
CA LEU A 41 15.91 15.67 10.64
C LEU A 41 14.45 15.72 10.25
N LEU A 42 14.17 15.27 9.03
CA LEU A 42 12.84 15.36 8.50
C LEU A 42 11.81 14.53 9.23
N SER A 43 12.15 13.30 9.58
CA SER A 43 11.29 12.46 10.31
C SER A 43 11.00 12.98 11.73
N LEU A 44 12.04 13.50 12.41
CA LEU A 44 11.87 14.14 13.71
C LEU A 44 10.88 15.31 13.64
N VAL A 45 11.03 16.16 12.60
CA VAL A 45 10.12 17.30 12.40
C VAL A 45 8.70 16.79 12.16
N LEU A 46 8.49 15.81 11.25
CA LEU A 46 7.13 15.37 10.98
C LEU A 46 6.50 14.72 12.23
N GLY A 47 7.29 13.93 12.96
CA GLY A 47 6.82 13.31 14.16
C GLY A 47 6.45 14.29 15.24
N PHE A 48 7.26 15.33 15.38
CA PHE A 48 6.97 16.42 16.32
C PHE A 48 5.63 17.08 15.97
N VAL A 49 5.45 17.53 14.73
CA VAL A 49 4.26 18.23 14.35
C VAL A 49 3.04 17.33 14.44
N GLU A 50 3.20 16.09 14.02
CA GLU A 50 2.14 15.09 14.15
C GLU A 50 1.71 14.87 15.60
N HIS A 51 2.70 14.81 16.48
CA HIS A 51 2.39 14.55 17.87
C HIS A 51 1.45 15.67 18.40
N PHE A 52 1.81 16.89 18.13
CA PHE A 52 1.10 18.07 18.65
C PHE A 52 -0.08 18.52 17.81
N LEU A 53 -0.31 17.92 16.65
CA LEU A 53 -1.53 18.12 15.87
C LEU A 53 -2.51 16.96 15.92
N ALA A 54 -2.07 15.74 16.25
CA ALA A 54 -2.99 14.57 16.27
C ALA A 54 -2.98 13.80 17.59
N VAL A 55 -1.87 13.74 18.30
CA VAL A 55 -1.82 12.89 19.51
C VAL A 55 -2.24 13.73 20.71
N ASN A 56 -1.71 14.96 20.77
CA ASN A 56 -1.98 15.88 21.89
C ASN A 56 -2.10 17.31 21.40
N ARG A 57 -3.34 17.74 21.22
CA ARG A 57 -3.64 19.11 20.75
C ARG A 57 -3.92 20.09 21.89
N VAL A 58 -3.65 19.68 23.11
CA VAL A 58 -3.86 20.57 24.21
C VAL A 58 -3.00 21.82 24.04
N GLY A 59 -3.56 22.96 24.12
CA GLY A 59 -2.77 24.15 24.03
C GLY A 59 -2.63 24.66 22.61
N LEU A 60 -3.08 23.86 21.67
CA LEU A 60 -2.89 24.24 20.26
C LEU A 60 -3.67 25.54 19.91
N THR A 61 -3.02 26.52 19.27
CA THR A 61 -3.71 27.71 18.80
C THR A 61 -3.62 27.94 17.28
N TYR A 62 -2.60 27.38 16.63
CA TYR A 62 -2.48 27.46 15.17
C TYR A 62 -1.59 26.33 14.66
N PHE A 63 -0.33 26.35 15.09
CA PHE A 63 0.65 25.40 14.64
C PHE A 63 1.62 25.20 15.75
N PRO A 64 2.08 23.94 15.97
CA PRO A 64 3.07 23.70 16.98
C PRO A 64 4.44 24.13 16.52
N VAL A 65 4.86 25.27 17.03
CA VAL A 65 6.17 25.83 16.65
C VAL A 65 7.29 24.84 16.98
N ALA A 66 8.07 24.50 15.95
CA ALA A 66 9.26 23.64 16.12
C ALA A 66 10.50 24.51 16.25
N ASP A 67 10.94 24.66 17.48
CA ASP A 67 12.15 25.42 17.79
C ASP A 67 13.34 24.56 17.48
N LEU A 68 14.42 25.22 17.04
CA LEU A 68 15.64 24.53 16.79
C LEU A 68 16.18 23.83 18.01
N SER A 69 16.07 24.44 19.18
CA SER A 69 16.65 23.85 20.38
C SER A 69 16.03 22.49 20.62
N ILE A 70 14.71 22.40 20.46
CA ILE A 70 13.95 21.17 20.67
C ILE A 70 14.28 20.10 19.63
N ILE A 71 14.28 20.48 18.36
CA ILE A 71 14.56 19.52 17.28
C ILE A 71 16.01 19.05 17.34
N ALA A 72 16.93 19.97 17.59
CA ALA A 72 18.32 19.62 17.69
C ALA A 72 18.59 18.67 18.84
N ALA A 73 17.89 18.86 19.95
CA ALA A 73 18.06 17.95 21.10
C ALA A 73 17.52 16.58 20.77
N LEU A 74 16.38 16.49 20.07
CA LEU A 74 15.89 15.16 19.63
C LEU A 74 16.90 14.50 18.68
N TYR A 75 17.42 15.32 17.75
CA TYR A 75 18.37 14.82 16.75
C TYR A 75 19.61 14.27 17.42
N ALA A 76 20.09 14.98 18.42
CA ALA A 76 21.23 14.56 19.20
C ALA A 76 21.01 13.29 20.00
N ARG A 77 19.78 13.11 20.51
CA ARG A 77 19.42 11.87 21.18
C ARG A 77 19.56 10.68 20.23
N PHE A 78 19.03 10.82 19.01
CA PHE A 78 19.15 9.79 18.03
C PHE A 78 20.55 9.47 17.63
N THR A 79 21.30 10.50 17.26
CA THR A 79 22.65 10.23 16.77
C THR A 79 23.56 9.73 17.87
N ALA A 80 23.36 10.19 19.12
CA ALA A 80 24.15 9.63 20.24
C ALA A 80 23.86 8.14 20.42
N GLN A 81 22.58 7.75 20.31
CA GLN A 81 22.16 6.38 20.50
C GLN A 81 22.82 5.45 19.45
N ILE A 82 22.82 5.90 18.20
CA ILE A 82 23.31 5.06 17.09
C ILE A 82 24.82 5.05 17.11
N ARG A 83 25.44 6.22 17.22
CA ARG A 83 26.91 6.28 17.22
C ARG A 83 27.52 5.57 18.43
N GLY A 84 26.90 5.68 19.59
CA GLY A 84 27.36 4.96 20.76
C GLY A 84 27.32 3.45 20.64
N ALA A 85 26.30 2.93 19.93
CA ALA A 85 26.06 1.51 19.92
C ALA A 85 26.61 0.81 18.70
N VAL A 86 26.86 1.54 17.62
CA VAL A 86 27.43 0.95 16.37
C VAL A 86 28.87 1.48 16.17
N ASP A 87 29.87 0.68 16.44
CA ASP A 87 31.24 1.04 16.20
C ASP A 87 31.58 0.59 14.78
N LEU A 88 31.67 1.55 13.87
CA LEU A 88 32.05 1.27 12.47
C LEU A 88 33.43 0.64 12.31
N SER A 89 34.33 0.84 13.27
CA SER A 89 35.66 0.28 13.13
C SER A 89 35.64 -1.24 13.10
N LEU A 90 34.56 -1.85 13.60
CA LEU A 90 34.48 -3.30 13.72
C LEU A 90 33.98 -3.90 12.41
N TYR A 91 33.50 -3.04 11.51
CA TYR A 91 32.83 -3.48 10.25
C TYR A 91 33.40 -2.70 9.05
N PRO A 92 34.60 -3.05 8.60
CA PRO A 92 35.24 -2.29 7.52
C PRO A 92 34.44 -2.25 6.23
N ARG A 93 34.51 -1.13 5.51
CA ARG A 93 33.73 -0.98 4.26
C ARG A 93 34.64 -1.06 3.05
N GLU A 94 34.55 -2.21 2.36
CA GLU A 94 35.23 -2.38 1.10
C GLU A 94 34.38 -1.69 0.05
N GLY A 95 34.96 -0.70 -0.64
CA GLY A 95 34.37 -0.14 -1.86
C GLY A 95 33.29 0.91 -1.67
N GLY A 96 33.31 1.58 -0.49
CA GLY A 96 32.25 2.51 -0.15
C GLY A 96 30.92 1.83 0.11
N VAL A 97 30.96 0.53 0.39
CA VAL A 97 29.71 -0.21 0.62
C VAL A 97 29.69 -1.03 1.92
N SER A 98 28.46 -1.25 2.42
CA SER A 98 28.22 -1.77 3.75
C SER A 98 28.15 -3.29 3.72
N SER A 99 28.39 -3.92 4.84
CA SER A 99 28.37 -5.38 4.91
C SER A 99 27.06 -5.84 5.53
N ARG A 100 26.71 -7.10 5.32
CA ARG A 100 25.51 -7.66 5.92
C ARG A 100 25.56 -7.60 7.45
N GLU A 101 26.76 -7.78 8.00
CA GLU A 101 26.94 -7.77 9.48
C GLU A 101 26.65 -6.36 10.02
N LEU A 102 27.07 -5.33 9.31
CA LEU A 102 26.82 -3.96 9.74
C LEU A 102 25.36 -3.66 9.71
N VAL A 103 24.75 -3.98 8.60
CA VAL A 103 23.34 -3.74 8.48
C VAL A 103 22.55 -4.44 9.61
N LYS A 104 22.93 -5.67 9.88
CA LYS A 104 22.27 -6.43 10.98
C LYS A 104 22.51 -5.77 12.32
N LYS A 105 23.71 -5.24 12.55
CA LYS A 105 24.00 -4.55 13.81
C LYS A 105 23.10 -3.33 14.00
N VAL A 106 22.92 -2.55 12.97
CA VAL A 106 22.06 -1.38 13.07
C VAL A 106 20.63 -1.81 13.35
N SER A 107 20.15 -2.80 12.60
CA SER A 107 18.86 -3.36 12.85
C SER A 107 18.68 -3.80 14.31
N ASP A 108 19.70 -4.51 14.85
CA ASP A 108 19.64 -4.96 16.23
C ASP A 108 19.56 -3.76 17.17
N VAL A 109 20.39 -2.74 16.90
CA VAL A 109 20.38 -1.54 17.76
C VAL A 109 18.95 -0.95 17.85
N ILE A 110 18.30 -0.77 16.71
CA ILE A 110 16.96 -0.22 16.66
C ILE A 110 15.93 -1.16 17.40
N TRP A 111 16.01 -2.41 17.06
CA TRP A 111 15.09 -3.42 17.62
C TRP A 111 15.22 -3.43 19.13
N ASN A 112 16.45 -3.48 19.60
CA ASN A 112 16.72 -3.62 21.03
C ASN A 112 16.33 -2.39 21.85
N SER A 113 16.21 -1.24 21.20
CA SER A 113 15.77 0.03 21.83
C SER A 113 14.25 0.06 22.14
N LEU A 114 13.51 -0.82 21.52
CA LEU A 114 12.04 -0.71 21.50
C LEU A 114 11.46 -1.25 22.83
N SER A 115 10.40 -0.59 23.32
CA SER A 115 9.61 -1.09 24.47
C SER A 115 9.31 -2.57 24.23
N ARG A 116 9.41 -3.31 25.33
CA ARG A 116 9.26 -4.76 25.35
C ARG A 116 7.88 -5.23 24.91
N SER A 117 6.85 -4.45 25.27
CA SER A 117 5.49 -4.79 24.96
C SER A 117 4.73 -3.51 24.62
N TYR A 118 4.03 -3.52 23.48
CA TYR A 118 3.13 -2.43 23.08
C TYR A 118 2.28 -2.83 21.87
N PHE A 119 1.20 -2.10 21.60
CA PHE A 119 0.37 -2.45 20.44
C PHE A 119 1.02 -1.93 19.19
N LYS A 120 1.42 -2.84 18.31
CA LYS A 120 2.18 -2.51 17.11
C LYS A 120 1.41 -1.82 16.01
N ASP A 121 0.08 -1.88 16.05
CA ASP A 121 -0.77 -1.42 14.97
C ASP A 121 -1.36 -0.04 15.30
N ARG A 122 -0.88 0.60 16.36
N ARG A 122 -0.86 0.59 16.37
CA ARG A 122 -1.41 1.90 16.72
CA ARG A 122 -1.31 1.91 16.76
C ARG A 122 -0.94 2.96 15.73
C ARG A 122 -0.94 2.96 15.71
N ALA A 123 -1.68 4.06 15.70
CA ALA A 123 -1.37 5.19 14.92
C ALA A 123 -0.20 5.94 15.62
N HIS A 124 0.49 6.70 14.82
CA HIS A 124 1.49 7.67 15.25
C HIS A 124 2.70 7.07 15.91
N ILE A 125 3.10 5.87 15.51
CA ILE A 125 4.37 5.29 15.96
C ILE A 125 5.24 4.93 14.76
N GLN A 126 5.15 5.78 13.73
CA GLN A 126 5.89 5.51 12.49
C GLN A 126 7.24 6.26 12.43
N SER A 127 7.37 7.37 13.19
CA SER A 127 8.49 8.37 12.98
C SER A 127 9.60 8.23 13.98
N LEU A 128 10.73 8.86 13.72
CA LEU A 128 11.77 8.84 14.70
C LEU A 128 11.41 9.62 15.97
N PHE A 129 10.42 10.52 15.89
CA PHE A 129 9.90 11.17 17.09
C PHE A 129 9.34 10.11 18.01
N SER A 130 8.57 9.15 17.48
CA SER A 130 8.04 8.08 18.30
C SER A 130 9.15 7.18 18.91
N PHE A 131 10.10 6.83 18.08
CA PHE A 131 11.23 6.05 18.51
C PHE A 131 11.92 6.69 19.67
N ILE A 132 12.13 8.01 19.59
CA ILE A 132 12.93 8.66 20.65
C ILE A 132 12.11 8.92 21.91
N THR A 133 10.88 9.41 21.76
CA THR A 133 10.09 9.84 22.92
C THR A 133 9.24 8.71 23.52
N GLY A 134 8.92 7.70 22.73
CA GLY A 134 8.07 6.61 23.16
C GLY A 134 8.67 5.23 23.09
N THR A 135 9.89 5.13 22.56
CA THR A 135 10.54 3.85 22.27
C THR A 135 9.54 2.86 21.65
N LYS A 136 8.83 3.34 20.64
CA LYS A 136 7.85 2.58 19.87
C LYS A 136 7.94 2.88 18.39
N LEU A 137 7.96 1.80 17.61
CA LEU A 137 7.84 1.88 16.18
C LEU A 137 6.93 0.79 15.65
N ASP A 138 6.28 1.09 14.56
CA ASP A 138 5.55 0.08 13.78
C ASP A 138 6.54 -0.63 12.86
N SER A 139 6.06 -1.68 12.18
CA SER A 139 6.98 -2.54 11.41
CA SER A 139 7.00 -2.54 11.42
C SER A 139 7.82 -1.81 10.37
N SER A 140 7.16 -1.07 9.49
CA SER A 140 7.90 -0.37 8.46
C SER A 140 8.66 0.78 9.08
N GLY A 141 8.21 1.28 10.22
CA GLY A 141 8.94 2.31 10.91
C GLY A 141 10.28 1.85 11.38
N VAL A 142 10.42 0.61 11.79
CA VAL A 142 11.75 0.03 12.09
C VAL A 142 12.66 0.04 10.88
N ALA A 143 12.13 -0.35 9.73
CA ALA A 143 12.93 -0.35 8.51
C ALA A 143 13.39 1.04 8.14
N PHE A 144 12.48 2.02 8.25
CA PHE A 144 12.81 3.38 7.98
C PHE A 144 13.92 3.90 8.92
N ALA A 145 13.74 3.53 10.18
CA ALA A 145 14.73 3.91 11.21
C ALA A 145 16.11 3.32 10.98
N VAL A 146 16.17 2.08 10.51
CA VAL A 146 17.43 1.49 10.13
C VAL A 146 18.09 2.29 9.05
N VAL A 147 17.36 2.68 8.02
CA VAL A 147 17.89 3.51 6.93
C VAL A 147 18.31 4.89 7.43
N GLY A 148 17.53 5.52 8.30
CA GLY A 148 17.97 6.77 8.92
C GLY A 148 19.23 6.70 9.69
N ALA A 149 19.35 5.63 10.48
CA ALA A 149 20.53 5.36 11.32
C ALA A 149 21.71 5.11 10.39
N CYS A 150 21.52 4.32 9.35
CA CYS A 150 22.61 4.14 8.35
C CYS A 150 23.06 5.44 7.67
N GLN A 151 22.15 6.30 7.28
CA GLN A 151 22.55 7.60 6.76
C GLN A 151 23.31 8.40 7.78
N ALA A 152 22.89 8.38 9.04
CA ALA A 152 23.58 9.13 10.08
C ALA A 152 25.02 8.66 10.29
N LEU A 153 25.25 7.39 9.98
CA LEU A 153 26.51 6.70 10.13
C LEU A 153 27.39 6.91 8.88
N GLY A 154 26.86 7.53 7.81
CA GLY A 154 27.57 7.70 6.55
C GLY A 154 27.51 6.57 5.57
N LEU A 155 26.53 5.66 5.73
CA LEU A 155 26.43 4.48 4.88
C LEU A 155 25.46 4.77 3.71
N ARG A 156 26.02 5.38 2.69
CA ARG A 156 25.26 5.96 1.60
C ARG A 156 24.54 4.88 0.76
N ASP A 157 24.98 3.61 0.87
CA ASP A 157 24.51 2.58 0.01
C ASP A 157 23.28 1.91 0.60
N VAL A 158 22.95 2.18 1.87
CA VAL A 158 21.81 1.49 2.53
C VAL A 158 20.49 2.26 2.23
N HIS A 159 19.52 1.58 1.61
CA HIS A 159 18.28 2.23 1.18
C HIS A 159 17.11 1.37 1.50
N LEU A 160 15.99 2.04 1.66
CA LEU A 160 14.73 1.36 1.95
C LEU A 160 14.18 0.62 0.71
N ALA A 161 13.67 -0.60 0.94
CA ALA A 161 12.98 -1.34 -0.10
C ALA A 161 11.56 -1.57 0.46
N LEU A 162 10.58 -1.47 -0.41
CA LEU A 162 9.22 -1.58 -0.05
C LEU A 162 8.48 -2.42 -1.06
N SER A 163 7.70 -3.33 -0.56
CA SER A 163 6.61 -3.97 -1.32
C SER A 163 5.32 -3.36 -0.83
N GLU A 164 4.19 -3.89 -1.30
CA GLU A 164 2.93 -3.31 -0.93
C GLU A 164 2.47 -3.63 0.49
N ASP A 165 3.23 -4.47 1.21
CA ASP A 165 2.86 -4.89 2.61
C ASP A 165 4.01 -5.13 3.53
N HIS A 166 5.21 -4.73 3.11
CA HIS A 166 6.40 -4.94 3.90
C HIS A 166 7.54 -4.02 3.43
N ALA A 167 8.55 -3.90 4.32
CA ALA A 167 9.73 -3.09 4.13
C ALA A 167 10.95 -3.83 4.64
N TRP A 168 12.04 -3.56 3.91
CA TRP A 168 13.36 -4.13 4.20
C TRP A 168 14.40 -3.10 3.70
N VAL A 169 15.66 -3.53 3.63
CA VAL A 169 16.71 -2.69 3.05
C VAL A 169 17.48 -3.35 1.91
N VAL A 170 17.99 -2.49 1.03
CA VAL A 170 19.00 -2.93 0.08
C VAL A 170 20.30 -2.20 0.39
N PHE A 171 21.41 -2.78 -0.04
CA PHE A 171 22.75 -2.29 0.30
C PHE A 171 23.76 -3.04 -0.50
N GLY A 172 25.04 -2.64 -0.33
CA GLY A 172 26.14 -3.49 -0.77
C GLY A 172 26.55 -3.15 -2.17
N PRO A 173 27.35 -4.00 -2.78
CA PRO A 173 27.84 -3.76 -4.15
C PRO A 173 26.70 -3.61 -5.11
N ASN A 174 26.71 -2.48 -5.86
CA ASN A 174 25.64 -2.09 -6.79
C ASN A 174 24.28 -2.02 -6.13
N GLY A 175 24.26 -1.92 -4.81
CA GLY A 175 22.99 -2.00 -4.13
C GLY A 175 22.19 -3.28 -4.37
N GLU A 176 22.87 -4.38 -4.62
CA GLU A 176 22.21 -5.60 -5.02
C GLU A 176 21.87 -6.54 -3.91
N GLN A 177 22.35 -6.31 -2.68
CA GLN A 177 22.01 -7.14 -1.57
C GLN A 177 20.68 -6.73 -0.93
N THR A 178 19.95 -7.74 -0.42
CA THR A 178 18.78 -7.43 0.39
C THR A 178 18.94 -7.96 1.79
N ALA A 179 18.42 -7.23 2.76
CA ALA A 179 18.30 -7.73 4.11
C ALA A 179 16.99 -7.37 4.81
N GLU A 180 16.41 -8.38 5.42
CA GLU A 180 15.33 -8.23 6.41
C GLU A 180 15.84 -7.46 7.62
N VAL A 181 15.10 -6.43 8.02
CA VAL A 181 15.45 -5.67 9.22
C VAL A 181 14.34 -5.46 10.21
N THR A 182 13.11 -5.90 9.88
CA THR A 182 12.01 -5.74 10.75
C THR A 182 11.16 -6.96 10.64
N TRP A 183 10.04 -6.97 11.37
CA TRP A 183 9.11 -8.06 11.37
C TRP A 183 8.01 -7.88 10.32
N HIS A 184 7.26 -8.94 10.03
CA HIS A 184 6.14 -8.83 9.14
C HIS A 184 4.93 -9.49 9.77
N GLY A 185 3.86 -8.74 9.90
CA GLY A 185 2.59 -9.30 10.35
C GLY A 185 2.65 -9.61 11.82
N LYS A 186 1.91 -10.63 12.22
CA LYS A 186 1.73 -11.04 13.60
C LYS A 186 1.88 -12.53 13.50
N GLY A 187 2.82 -13.09 14.25
CA GLY A 187 2.90 -14.54 14.37
C GLY A 187 3.62 -15.20 13.20
N ASN A 188 4.18 -14.37 12.34
CA ASN A 188 5.20 -14.81 11.39
C ASN A 188 6.55 -14.72 12.13
N GLU A 189 7.37 -15.75 12.01
CA GLU A 189 8.70 -15.73 12.64
C GLU A 189 9.57 -14.89 11.72
N ASP A 190 10.38 -14.02 12.34
CA ASP A 190 11.15 -13.02 11.60
C ASP A 190 12.46 -13.58 11.05
N ARG A 191 12.82 -13.08 9.88
CA ARG A 191 13.92 -13.61 9.08
C ARG A 191 14.97 -12.49 9.03
N ARG A 192 15.06 -11.71 10.11
CA ARG A 192 15.96 -10.55 10.17
C ARG A 192 17.40 -10.95 9.87
N GLY A 193 18.02 -10.26 8.91
CA GLY A 193 19.38 -10.57 8.50
C GLY A 193 19.42 -11.33 7.21
N GLN A 194 18.32 -11.96 6.83
CA GLN A 194 18.34 -12.80 5.64
C GLN A 194 17.98 -11.99 4.42
N THR A 195 18.22 -12.58 3.25
CA THR A 195 17.76 -11.98 2.01
C THR A 195 16.27 -12.19 1.83
N VAL A 196 15.75 -11.55 0.80
CA VAL A 196 14.36 -11.75 0.43
C VAL A 196 14.21 -12.71 -0.79
N ASN A 197 15.24 -13.42 -1.16
CA ASN A 197 15.25 -14.23 -2.39
C ASN A 197 14.32 -15.41 -2.34
N ALA A 198 14.16 -16.08 -1.22
CA ALA A 198 13.15 -17.15 -1.12
C ALA A 198 11.77 -16.63 -1.41
N GLY A 199 11.42 -15.45 -0.85
CA GLY A 199 10.07 -14.90 -1.11
C GLY A 199 9.84 -14.47 -2.55
N VAL A 200 10.94 -13.93 -3.14
CA VAL A 200 10.84 -13.58 -4.57
C VAL A 200 10.65 -14.86 -5.39
N ALA A 201 11.49 -15.87 -5.14
CA ALA A 201 11.41 -17.10 -5.88
C ALA A 201 10.05 -17.80 -5.77
N GLU A 202 9.42 -17.67 -4.63
CA GLU A 202 8.09 -18.32 -4.53
C GLU A 202 6.94 -17.58 -5.12
N ARG A 203 7.17 -16.40 -5.68
CA ARG A 203 6.16 -15.62 -6.38
C ARG A 203 4.96 -15.24 -5.46
N SER A 204 5.26 -14.94 -4.20
CA SER A 204 4.29 -14.35 -3.31
C SER A 204 4.01 -12.93 -3.66
N TRP A 205 2.83 -12.45 -3.33
CA TRP A 205 2.55 -11.02 -3.39
C TRP A 205 3.45 -10.20 -2.50
N LEU A 206 3.79 -10.73 -1.31
CA LEU A 206 4.55 -9.98 -0.34
C LEU A 206 5.86 -9.43 -0.91
N TYR A 207 6.51 -10.19 -1.81
CA TYR A 207 7.78 -9.72 -2.43
C TYR A 207 7.68 -9.34 -3.93
N LEU A 208 6.45 -9.31 -4.43
CA LEU A 208 6.13 -8.73 -5.75
C LEU A 208 6.93 -9.32 -6.90
N LYS A 209 7.33 -10.57 -6.79
CA LYS A 209 8.11 -11.26 -7.83
C LYS A 209 9.41 -10.50 -8.10
N GLY A 210 9.83 -9.73 -7.13
CA GLY A 210 11.06 -8.93 -7.24
C GLY A 210 10.83 -7.52 -7.77
N SER A 211 9.60 -7.23 -8.16
CA SER A 211 9.22 -5.86 -8.70
C SER A 211 8.82 -4.90 -7.56
N TYR A 212 9.58 -4.91 -6.49
CA TYR A 212 9.41 -4.04 -5.34
C TYR A 212 10.19 -2.73 -5.56
N MET A 213 9.89 -1.74 -4.73
CA MET A 213 10.54 -0.44 -4.84
C MET A 213 11.90 -0.52 -4.16
N ARG A 214 12.89 0.00 -4.86
CA ARG A 214 14.25 0.25 -4.32
C ARG A 214 14.40 1.73 -4.26
N CYS A 215 14.28 2.27 -3.05
CA CYS A 215 14.24 3.73 -2.90
C CYS A 215 15.62 4.37 -3.06
N ASP A 216 15.63 5.59 -3.58
CA ASP A 216 16.76 6.50 -3.38
C ASP A 216 16.36 7.43 -2.23
N ARG A 217 17.23 8.35 -1.85
CA ARG A 217 16.99 9.17 -0.63
C ARG A 217 15.72 10.00 -0.82
N LYS A 218 15.44 10.39 -2.03
CA LYS A 218 14.27 11.23 -2.29
C LYS A 218 13.00 10.41 -2.10
N MET A 219 13.01 9.15 -2.53
CA MET A 219 11.87 8.30 -2.36
C MET A 219 11.67 7.95 -0.86
N GLU A 220 12.76 7.95 -0.13
CA GLU A 220 12.66 7.71 1.31
C GLU A 220 11.95 8.87 1.98
N VAL A 221 12.19 10.09 1.46
CA VAL A 221 11.43 11.26 1.92
C VAL A 221 9.98 11.08 1.55
N ALA A 222 9.71 10.67 0.34
CA ALA A 222 8.32 10.38 -0.01
C ALA A 222 7.63 9.35 0.89
N PHE A 223 8.34 8.28 1.25
CA PHE A 223 7.79 7.28 2.17
C PHE A 223 7.38 7.98 3.52
N MET A 224 8.28 8.77 4.13
CA MET A 224 7.96 9.39 5.43
C MET A 224 6.77 10.36 5.29
N VAL A 225 6.59 10.96 4.13
CA VAL A 225 5.46 11.82 3.90
C VAL A 225 4.15 11.01 3.77
N CYS A 226 4.21 9.94 3.00
CA CYS A 226 3.07 9.02 2.93
C CYS A 226 2.74 8.46 4.33
N ALA A 227 3.75 8.34 5.18
CA ALA A 227 3.62 7.80 6.51
C ALA A 227 2.98 8.75 7.50
N ILE A 228 2.87 10.02 7.17
CA ILE A 228 2.09 10.93 8.04
C ILE A 228 0.69 10.34 8.24
N ASN A 229 0.20 10.42 9.47
CA ASN A 229 -1.14 9.93 9.82
C ASN A 229 -1.95 11.02 10.44
N PRO A 230 -2.78 11.64 9.62
CA PRO A 230 -3.59 12.77 10.11
C PRO A 230 -4.68 12.40 11.09
N SER A 231 -4.87 11.11 11.41
CA SER A 231 -6.00 10.68 12.23
C SER A 231 -5.90 11.12 13.67
N ILE A 232 -6.91 11.81 14.16
CA ILE A 232 -6.96 12.19 15.57
C ILE A 232 -7.71 11.07 16.31
N ASP A 233 -8.84 10.68 15.75
CA ASP A 233 -9.59 9.52 16.26
C ASP A 233 -10.37 8.89 15.11
N LEU A 234 -11.28 7.96 15.40
CA LEU A 234 -11.96 7.22 14.31
C LEU A 234 -12.76 8.17 13.44
N HIS A 235 -13.25 9.26 14.05
CA HIS A 235 -14.19 10.19 13.42
C HIS A 235 -13.53 11.42 12.87
N THR A 236 -12.25 11.67 13.20
CA THR A 236 -11.71 13.02 13.08
C THR A 236 -10.29 13.00 12.56
N ASP A 237 -10.02 13.75 11.49
CA ASP A 237 -8.67 13.94 11.00
C ASP A 237 -8.24 15.33 11.24
N SER A 238 -6.94 15.51 11.46
CA SER A 238 -6.35 16.82 11.55
C SER A 238 -6.28 17.49 10.15
N LEU A 239 -7.01 18.59 9.98
CA LEU A 239 -6.96 19.33 8.74
C LEU A 239 -5.55 19.85 8.43
N GLU A 240 -4.81 20.21 9.48
CA GLU A 240 -3.46 20.73 9.38
C GLU A 240 -2.53 19.66 8.81
N LEU A 241 -2.63 18.44 9.33
CA LEU A 241 -1.74 17.39 8.85
C LEU A 241 -2.17 16.94 7.43
N LEU A 242 -3.46 16.92 7.13
CA LEU A 242 -3.90 16.64 5.75
C LEU A 242 -3.26 17.63 4.79
N GLN A 243 -3.26 18.90 5.15
CA GLN A 243 -2.84 19.95 4.25
C GLN A 243 -1.33 19.85 4.11
N LEU A 244 -0.67 19.55 5.22
CA LEU A 244 0.83 19.38 5.20
C LEU A 244 1.27 18.19 4.33
N GLN A 245 0.58 17.08 4.52
CA GLN A 245 0.85 15.88 3.71
C GLN A 245 0.64 16.18 2.23
N GLN A 246 -0.43 16.91 1.94
CA GLN A 246 -0.82 17.19 0.56
C GLN A 246 0.25 18.10 -0.07
N LYS A 247 0.58 19.18 0.59
CA LYS A 247 1.65 20.08 0.11
C LYS A 247 2.96 19.41 -0.06
N LEU A 248 3.33 18.52 0.86
CA LEU A 248 4.61 17.83 0.69
C LEU A 248 4.59 16.86 -0.49
N LEU A 249 3.47 16.14 -0.66
CA LEU A 249 3.37 15.30 -1.84
C LEU A 249 3.39 16.09 -3.14
N TRP A 250 2.78 17.28 -3.19
CA TRP A 250 2.91 18.08 -4.42
C TRP A 250 4.36 18.52 -4.63
N LEU A 251 5.07 18.86 -3.55
CA LEU A 251 6.47 19.23 -3.67
C LEU A 251 7.27 18.13 -4.29
N LEU A 252 7.10 16.94 -3.71
CA LEU A 252 7.71 15.76 -4.24
C LEU A 252 7.35 15.49 -5.69
N TYR A 253 6.08 15.60 -6.01
CA TYR A 253 5.61 15.36 -7.38
C TYR A 253 6.30 16.28 -8.36
N ASP A 254 6.40 17.56 -7.98
CA ASP A 254 6.91 18.54 -8.88
C ASP A 254 8.38 18.35 -9.12
N LEU A 255 9.08 17.77 -8.16
CA LEU A 255 10.53 17.60 -8.27
C LEU A 255 10.84 16.24 -8.95
N GLY A 256 9.80 15.45 -9.25
CA GLY A 256 9.99 14.19 -9.95
C GLY A 256 10.09 12.95 -9.09
N HIS A 257 9.93 13.10 -7.79
CA HIS A 257 10.25 12.02 -6.86
C HIS A 257 9.12 11.08 -6.58
N LEU A 258 7.96 11.30 -7.15
CA LEU A 258 6.90 10.31 -7.11
C LEU A 258 6.80 9.47 -8.40
N GLU A 259 7.70 9.73 -9.33
CA GLU A 259 7.69 9.03 -10.64
C GLU A 259 7.64 7.51 -10.51
N ARG A 260 8.34 6.96 -9.52
CA ARG A 260 8.51 5.51 -9.34
C ARG A 260 7.77 5.09 -8.05
N TYR A 261 6.79 5.87 -7.63
CA TYR A 261 6.08 5.57 -6.37
C TYR A 261 4.54 5.56 -6.56
N PRO A 262 4.02 4.44 -7.09
CA PRO A 262 2.59 4.31 -7.32
C PRO A 262 1.73 4.69 -6.15
N MET A 263 2.02 4.13 -4.97
CA MET A 263 1.14 4.30 -3.86
CA MET A 263 1.19 4.29 -3.80
C MET A 263 1.09 5.76 -3.39
N ALA A 264 2.18 6.49 -3.55
CA ALA A 264 2.18 7.89 -3.19
C ALA A 264 1.27 8.66 -4.07
N LEU A 265 1.23 8.30 -5.34
CA LEU A 265 0.32 8.96 -6.30
C LEU A 265 -1.16 8.68 -5.93
N GLY A 266 -1.41 7.49 -5.50
CA GLY A 266 -2.73 7.15 -4.99
C GLY A 266 -3.12 7.96 -3.71
N ASN A 267 -2.19 8.07 -2.76
CA ASN A 267 -2.41 8.88 -1.57
C ASN A 267 -2.71 10.32 -1.96
N LEU A 268 -1.89 10.87 -2.89
CA LEU A 268 -2.10 12.24 -3.33
C LEU A 268 -3.47 12.42 -3.99
N ALA A 269 -3.88 11.49 -4.86
CA ALA A 269 -5.21 11.50 -5.45
C ALA A 269 -6.34 11.50 -4.38
N ASP A 270 -6.22 10.61 -3.37
CA ASP A 270 -7.20 10.55 -2.32
C ASP A 270 -7.32 11.91 -1.63
N LEU A 271 -6.19 12.55 -1.40
CA LEU A 271 -6.16 13.84 -0.74
C LEU A 271 -6.82 14.95 -1.58
N GLU A 272 -6.63 14.87 -2.89
CA GLU A 272 -7.15 15.85 -3.78
C GLU A 272 -8.65 15.64 -3.86
N GLU A 273 -9.07 14.39 -3.81
CA GLU A 273 -10.52 14.11 -3.80
C GLU A 273 -11.20 14.79 -2.61
N LEU A 274 -10.57 14.66 -1.46
CA LEU A 274 -11.03 15.31 -0.23
C LEU A 274 -11.09 16.82 -0.28
N GLU A 275 -10.05 17.45 -0.84
CA GLU A 275 -9.91 18.90 -0.86
C GLU A 275 -9.04 19.29 -2.06
N PRO A 276 -9.66 19.56 -3.22
CA PRO A 276 -8.85 19.72 -4.41
C PRO A 276 -8.05 20.99 -4.41
N THR A 277 -6.82 20.90 -4.87
CA THR A 277 -5.95 22.04 -5.01
C THR A 277 -6.21 22.71 -6.39
N PRO A 278 -6.58 24.00 -6.40
CA PRO A 278 -6.81 24.61 -7.72
C PRO A 278 -5.60 24.57 -8.65
N GLY A 279 -5.84 24.19 -9.90
CA GLY A 279 -4.81 24.22 -10.90
C GLY A 279 -4.08 22.89 -11.01
N ARG A 280 -4.39 21.95 -10.12
CA ARG A 280 -3.73 20.65 -10.13
C ARG A 280 -4.56 19.61 -10.89
N PRO A 281 -3.94 18.51 -11.32
CA PRO A 281 -4.61 17.36 -11.93
C PRO A 281 -5.74 16.80 -11.05
N ASP A 282 -6.81 16.33 -11.68
CA ASP A 282 -7.92 15.63 -10.98
C ASP A 282 -7.42 14.36 -10.33
N PRO A 283 -8.12 13.92 -9.28
CA PRO A 283 -7.86 12.61 -8.73
C PRO A 283 -7.75 11.53 -9.81
N LEU A 284 -8.66 11.46 -10.77
CA LEU A 284 -8.58 10.41 -11.80
C LEU A 284 -7.27 10.40 -12.55
N THR A 285 -6.84 11.57 -12.98
CA THR A 285 -5.54 11.70 -13.61
C THR A 285 -4.39 11.12 -12.74
N LEU A 286 -4.41 11.42 -11.46
CA LEU A 286 -3.41 10.95 -10.53
C LEU A 286 -3.50 9.48 -10.29
N TYR A 287 -4.70 8.91 -10.15
CA TYR A 287 -4.79 7.46 -10.04
C TYR A 287 -4.21 6.80 -11.27
N HIS A 288 -4.50 7.36 -12.44
CA HIS A 288 -3.96 6.76 -13.65
C HIS A 288 -2.46 6.91 -13.81
N LYS A 289 -1.90 7.98 -13.27
CA LYS A 289 -0.46 8.11 -13.25
C LYS A 289 0.17 7.06 -12.35
N GLY A 290 -0.48 6.75 -11.23
CA GLY A 290 -0.07 5.67 -10.32
C GLY A 290 0.01 4.34 -11.05
N ILE A 291 -1.06 4.03 -11.77
CA ILE A 291 -1.12 2.82 -12.60
C ILE A 291 0.00 2.83 -13.68
N ALA A 292 0.18 3.96 -14.31
CA ALA A 292 1.24 4.09 -15.33
C ALA A 292 2.64 3.93 -14.77
N SER A 293 2.84 4.42 -13.55
CA SER A 293 4.13 4.21 -12.84
C SER A 293 4.35 2.74 -12.58
N ALA A 294 3.31 2.03 -12.13
CA ALA A 294 3.47 0.59 -11.88
C ALA A 294 3.77 -0.17 -13.22
N LYS A 295 3.10 0.17 -14.30
CA LYS A 295 3.32 -0.46 -15.62
C LYS A 295 4.75 -0.18 -16.10
N THR A 296 5.22 1.04 -15.91
CA THR A 296 6.51 1.49 -16.42
C THR A 296 7.68 0.90 -15.65
N TYR A 297 7.59 0.98 -14.31
CA TYR A 297 8.72 0.63 -13.49
C TYR A 297 8.68 -0.72 -12.81
N TYR A 298 7.49 -1.30 -12.62
CA TYR A 298 7.32 -2.50 -11.83
C TYR A 298 6.56 -3.60 -12.58
N ARG A 299 6.63 -3.61 -13.92
CA ARG A 299 6.07 -4.74 -14.71
C ARG A 299 4.59 -4.91 -14.55
N ASP A 300 3.90 -3.87 -14.09
CA ASP A 300 2.45 -3.97 -13.82
C ASP A 300 2.18 -5.11 -12.87
N GLU A 301 2.97 -5.22 -11.80
CA GLU A 301 2.88 -6.32 -10.84
C GLU A 301 2.34 -5.85 -9.50
N HIS A 302 1.87 -4.60 -9.42
CA HIS A 302 1.30 -4.03 -8.18
C HIS A 302 -0.23 -4.04 -8.18
N ILE A 303 -0.80 -4.30 -7.01
CA ILE A 303 -2.28 -4.37 -6.86
C ILE A 303 -2.92 -3.03 -6.49
N TYR A 304 -2.28 -2.32 -5.58
CA TYR A 304 -2.89 -1.14 -5.07
C TYR A 304 -3.12 -0.03 -6.05
N PRO A 305 -2.31 0.12 -7.14
CA PRO A 305 -2.74 1.19 -8.09
C PRO A 305 -4.17 1.08 -8.58
N TYR A 306 -4.59 -0.15 -8.79
CA TYR A 306 -5.91 -0.44 -9.27
C TYR A 306 -6.91 -0.39 -8.13
N MET A 307 -6.52 -0.82 -6.94
CA MET A 307 -7.43 -0.66 -5.81
C MET A 307 -7.73 0.79 -5.50
N TYR A 308 -6.70 1.64 -5.49
CA TYR A 308 -6.92 3.08 -5.25
C TYR A 308 -8.02 3.58 -6.24
N LEU A 309 -7.86 3.26 -7.54
CA LEU A 309 -8.76 3.74 -8.57
C LEU A 309 -10.19 3.19 -8.31
N ALA A 310 -10.26 1.89 -8.08
CA ALA A 310 -11.56 1.29 -7.80
C ALA A 310 -12.28 1.95 -6.62
N GLY A 311 -11.54 2.25 -5.56
CA GLY A 311 -12.08 2.89 -4.37
C GLY A 311 -12.71 4.21 -4.69
N TYR A 312 -11.99 5.00 -5.46
CA TYR A 312 -12.52 6.28 -5.94
C TYR A 312 -13.81 6.07 -6.71
N HIS A 313 -13.83 5.12 -7.67
CA HIS A 313 -15.06 4.90 -8.40
C HIS A 313 -16.15 4.39 -7.51
N CYS A 314 -15.79 3.60 -6.53
CA CYS A 314 -16.80 3.03 -5.65
C CYS A 314 -17.49 4.17 -4.81
N ARG A 315 -16.67 5.04 -4.23
CA ARG A 315 -17.21 6.21 -3.49
C ARG A 315 -18.08 7.12 -4.31
N ASN A 316 -17.75 7.23 -5.59
CA ASN A 316 -18.44 8.09 -6.50
C ASN A 316 -19.59 7.35 -7.20
N ARG A 317 -19.78 6.10 -6.80
CA ARG A 317 -20.80 5.19 -7.36
C ARG A 317 -20.77 5.10 -8.87
N ASN A 318 -19.56 4.99 -9.35
N ASN A 318 -19.55 5.07 -9.41
CA ASN A 318 -19.36 4.66 -10.69
CA ASN A 318 -19.26 4.76 -10.82
C ASN A 318 -19.15 3.16 -10.73
C ASN A 318 -19.12 3.21 -10.93
N VAL A 319 -20.24 2.45 -10.86
CA VAL A 319 -20.20 0.96 -10.71
C VAL A 319 -19.38 0.31 -11.81
N ARG A 320 -19.66 0.73 -13.03
N ARG A 320 -19.56 0.77 -13.05
CA ARG A 320 -19.00 0.17 -14.17
CA ARG A 320 -18.77 0.25 -14.18
C ARG A 320 -17.51 0.25 -14.05
C ARG A 320 -17.28 0.44 -13.95
N GLU A 321 -17.09 1.47 -13.75
N GLU A 321 -16.86 1.69 -13.74
CA GLU A 321 -15.69 1.79 -13.64
CA GLU A 321 -15.45 1.92 -13.61
C GLU A 321 -15.02 1.13 -12.44
C GLU A 321 -14.91 1.27 -12.33
N ALA A 322 -15.75 1.04 -11.31
CA ALA A 322 -15.25 0.37 -10.08
C ALA A 322 -15.04 -1.10 -10.40
N LEU A 323 -16.06 -1.77 -10.98
CA LEU A 323 -15.89 -3.12 -11.45
C LEU A 323 -14.71 -3.36 -12.39
N GLN A 324 -14.52 -2.48 -13.35
CA GLN A 324 -13.37 -2.60 -14.25
C GLN A 324 -12.05 -2.54 -13.49
N ALA A 325 -11.96 -1.64 -12.51
CA ALA A 325 -10.70 -1.49 -11.82
C ALA A 325 -10.46 -2.69 -10.87
N TRP A 326 -11.50 -3.18 -10.23
CA TRP A 326 -11.34 -4.43 -9.45
C TRP A 326 -11.00 -5.62 -10.32
N ALA A 327 -11.61 -5.73 -11.53
CA ALA A 327 -11.24 -6.79 -12.47
C ALA A 327 -9.73 -6.67 -12.80
N ASP A 328 -9.25 -5.42 -13.00
CA ASP A 328 -7.83 -5.16 -13.23
C ASP A 328 -6.99 -5.59 -12.08
N THR A 329 -7.44 -5.37 -10.84
CA THR A 329 -6.70 -5.88 -9.67
C THR A 329 -6.50 -7.37 -9.72
N ALA A 330 -7.59 -8.05 -10.06
CA ALA A 330 -7.54 -9.52 -10.20
C ALA A 330 -6.63 -9.99 -11.33
N THR A 331 -6.55 -9.25 -12.39
CA THR A 331 -5.74 -9.59 -13.53
C THR A 331 -4.25 -9.49 -13.18
N VAL A 332 -3.93 -8.64 -12.21
CA VAL A 332 -2.57 -8.58 -11.62
C VAL A 332 -2.36 -9.81 -10.73
N ILE A 333 -3.28 -10.06 -9.79
CA ILE A 333 -3.05 -11.08 -8.77
C ILE A 333 -2.99 -12.47 -9.40
N GLN A 334 -3.60 -12.66 -10.58
CA GLN A 334 -3.65 -13.99 -11.20
C GLN A 334 -2.30 -14.64 -11.46
N ASP A 335 -1.24 -13.85 -11.63
CA ASP A 335 0.07 -14.34 -11.87
C ASP A 335 0.97 -14.47 -10.65
N TYR A 336 0.35 -14.53 -9.47
CA TYR A 336 1.05 -14.75 -8.21
C TYR A 336 0.66 -16.09 -7.64
N ASN A 337 1.49 -16.65 -6.75
CA ASN A 337 1.07 -17.79 -5.92
C ASN A 337 0.63 -17.25 -4.58
N TYR A 338 -0.50 -17.69 -4.05
CA TYR A 338 -0.98 -17.22 -2.77
C TYR A 338 -0.19 -17.90 -1.72
N CYS A 339 0.60 -17.17 -0.98
CA CYS A 339 1.51 -17.74 -0.03
C CYS A 339 1.18 -17.36 1.41
N ARG A 340 1.79 -18.08 2.34
CA ARG A 340 1.64 -17.71 3.73
C ARG A 340 2.22 -16.32 3.68
N GLU A 341 1.73 -15.46 4.51
CA GLU A 341 2.16 -14.08 4.64
C GLU A 341 1.54 -13.06 3.67
N ASP A 342 0.74 -13.53 2.72
CA ASP A 342 -0.05 -12.68 1.85
C ASP A 342 -1.49 -12.38 2.35
N GLU A 343 -1.77 -12.65 3.60
CA GLU A 343 -3.09 -12.48 4.17
C GLU A 343 -3.72 -11.10 3.95
N GLU A 344 -2.92 -10.06 3.91
N GLU A 344 -2.91 -10.05 3.93
CA GLU A 344 -3.50 -8.72 3.76
CA GLU A 344 -3.47 -8.71 3.77
C GLU A 344 -4.23 -8.60 2.41
C GLU A 344 -4.16 -8.52 2.41
N ILE A 345 -3.61 -9.11 1.35
CA ILE A 345 -4.25 -9.00 0.02
C ILE A 345 -5.42 -9.94 -0.12
N TYR A 346 -5.35 -11.09 0.55
CA TYR A 346 -6.55 -12.00 0.65
C TYR A 346 -7.71 -11.25 1.30
N LYS A 347 -7.45 -10.50 2.38
CA LYS A 347 -8.51 -9.74 3.07
C LYS A 347 -9.09 -8.67 2.17
N GLU A 348 -8.21 -8.02 1.39
CA GLU A 348 -8.67 -6.98 0.47
C GLU A 348 -9.63 -7.53 -0.60
N PHE A 349 -9.27 -8.69 -1.19
CA PHE A 349 -10.10 -9.30 -2.17
C PHE A 349 -11.40 -9.83 -1.53
N PHE A 350 -11.28 -10.38 -0.35
CA PHE A 350 -12.44 -10.95 0.32
C PHE A 350 -13.48 -9.82 0.56
N GLU A 351 -13.01 -8.68 1.05
CA GLU A 351 -13.91 -7.60 1.36
C GLU A 351 -14.57 -7.05 0.10
N VAL A 352 -13.83 -6.97 -1.00
CA VAL A 352 -14.37 -6.47 -2.27
C VAL A 352 -15.42 -7.42 -2.78
N ALA A 353 -15.11 -8.72 -2.79
CA ALA A 353 -16.04 -9.67 -3.33
C ALA A 353 -17.25 -9.86 -2.47
N ASN A 354 -17.05 -9.85 -1.12
CA ASN A 354 -18.08 -10.37 -0.23
C ASN A 354 -18.78 -9.30 0.59
N ASP A 355 -18.42 -8.04 0.38
CA ASP A 355 -19.05 -6.94 1.08
C ASP A 355 -19.23 -5.74 0.17
N VAL A 356 -18.16 -5.25 -0.45
CA VAL A 356 -18.26 -4.02 -1.27
C VAL A 356 -19.09 -4.21 -2.52
N ILE A 357 -18.77 -5.19 -3.35
CA ILE A 357 -19.53 -5.42 -4.55
C ILE A 357 -20.99 -5.73 -4.23
N PRO A 358 -21.22 -6.61 -3.28
CA PRO A 358 -22.65 -6.85 -3.01
C PRO A 358 -23.41 -5.62 -2.60
N ASN A 359 -22.84 -4.78 -1.79
CA ASN A 359 -23.51 -3.49 -1.45
C ASN A 359 -23.75 -2.58 -2.62
N LEU A 360 -22.79 -2.44 -3.50
CA LEU A 360 -22.95 -1.65 -4.70
C LEU A 360 -24.01 -2.16 -5.61
N LEU A 361 -24.05 -3.47 -5.80
CA LEU A 361 -25.04 -4.04 -6.70
C LEU A 361 -26.43 -4.03 -6.07
N LYS A 362 -26.51 -4.13 -4.74
CA LYS A 362 -27.79 -4.04 -4.04
C LYS A 362 -28.42 -2.65 -4.26
N GLU A 363 -27.64 -1.58 -4.11
CA GLU A 363 -28.11 -0.22 -4.41
C GLU A 363 -28.47 -0.09 -5.89
N ALA A 364 -27.65 -0.66 -6.76
CA ALA A 364 -27.86 -0.56 -8.21
C ALA A 364 -29.20 -1.20 -8.56
N ALA A 365 -29.50 -2.30 -7.87
CA ALA A 365 -30.75 -3.02 -8.09
C ALA A 365 -31.95 -2.17 -7.67
N SER A 366 -31.85 -1.48 -6.53
CA SER A 366 -32.93 -0.59 -6.10
C SER A 366 -33.13 0.54 -7.08
N LEU A 367 -32.01 1.14 -7.57
CA LEU A 367 -32.12 2.22 -8.50
C LEU A 367 -32.67 1.77 -9.86
N LEU A 368 -32.31 0.56 -10.29
CA LEU A 368 -32.95 -0.04 -11.49
C LEU A 368 -34.46 -0.19 -11.35
N GLU A 369 -34.88 -0.65 -10.19
CA GLU A 369 -36.30 -0.75 -9.90
C GLU A 369 -36.97 0.63 -9.97
N ALA A 370 -36.23 1.68 -9.67
CA ALA A 370 -36.74 3.02 -9.78
C ALA A 370 -36.58 3.63 -11.17
N GLY A 371 -36.05 2.86 -12.09
CA GLY A 371 -36.05 3.22 -13.49
C GLY A 371 -34.79 3.87 -14.00
N SER A 372 -33.67 3.65 -13.33
CA SER A 372 -32.42 4.21 -13.83
C SER A 372 -32.12 3.69 -15.21
N GLN A 373 -31.48 4.54 -15.99
CA GLN A 373 -31.01 4.21 -17.33
C GLN A 373 -29.53 4.16 -17.30
N GLY A 374 -28.98 3.32 -18.18
CA GLY A 374 -27.56 3.18 -18.26
C GLY A 374 -26.99 2.44 -17.06
N SER A 375 -27.88 1.70 -16.36
CA SER A 375 -27.48 0.94 -15.16
C SER A 375 -26.36 -0.07 -15.47
N ALA A 376 -25.40 -0.23 -14.54
CA ALA A 376 -24.39 -1.26 -14.69
C ALA A 376 -25.08 -2.59 -14.79
N LEU A 377 -26.22 -2.80 -14.13
CA LEU A 377 -26.87 -4.09 -14.14
C LEU A 377 -27.46 -4.46 -15.50
N GLN A 378 -27.61 -3.46 -16.36
CA GLN A 378 -28.07 -3.69 -17.76
C GLN A 378 -26.95 -3.63 -18.77
N ASP A 379 -25.70 -3.54 -18.28
CA ASP A 379 -24.56 -3.44 -19.15
C ASP A 379 -23.77 -4.72 -19.18
N PRO A 380 -23.82 -5.45 -20.28
CA PRO A 380 -23.01 -6.70 -20.28
C PRO A 380 -21.50 -6.52 -20.08
N GLU A 381 -20.91 -5.39 -20.40
CA GLU A 381 -19.50 -5.15 -20.11
C GLU A 381 -19.27 -5.12 -18.60
N CYS A 382 -20.23 -4.67 -17.80
CA CYS A 382 -20.13 -4.72 -16.33
C CYS A 382 -20.20 -6.14 -15.80
N PHE A 383 -21.09 -6.97 -16.39
CA PHE A 383 -21.10 -8.39 -16.07
C PHE A 383 -19.76 -9.04 -16.42
N ALA A 384 -19.22 -8.71 -17.58
CA ALA A 384 -17.90 -9.21 -17.96
C ALA A 384 -16.80 -8.81 -16.93
N HIS A 385 -16.91 -7.60 -16.38
CA HIS A 385 -15.90 -7.21 -15.39
C HIS A 385 -16.02 -8.05 -14.14
N LEU A 386 -17.25 -8.28 -13.68
CA LEU A 386 -17.44 -9.10 -12.52
C LEU A 386 -16.87 -10.47 -12.78
N LEU A 387 -17.16 -11.03 -13.95
CA LEU A 387 -16.62 -12.33 -14.26
C LEU A 387 -15.07 -12.35 -14.30
N ARG A 388 -14.46 -11.33 -14.88
CA ARG A 388 -12.99 -11.25 -14.95
C ARG A 388 -12.40 -11.14 -13.55
N PHE A 389 -13.05 -10.42 -12.64
CA PHE A 389 -12.61 -10.32 -11.25
C PHE A 389 -12.55 -11.73 -10.66
N TYR A 390 -13.64 -12.49 -10.77
CA TYR A 390 -13.60 -13.83 -10.21
C TYR A 390 -12.59 -14.71 -10.93
N ASP A 391 -12.47 -14.58 -12.22
CA ASP A 391 -11.44 -15.36 -12.96
C ASP A 391 -10.01 -15.16 -12.44
N GLY A 392 -9.64 -13.92 -12.18
CA GLY A 392 -8.29 -13.68 -11.72
C GLY A 392 -8.08 -14.28 -10.33
N ILE A 393 -9.10 -14.22 -9.47
CA ILE A 393 -8.98 -14.79 -8.12
C ILE A 393 -8.83 -16.30 -8.26
N CYS A 394 -9.65 -16.90 -9.12
CA CYS A 394 -9.51 -18.33 -9.34
C CYS A 394 -8.15 -18.72 -9.91
N LYS A 395 -7.61 -17.93 -10.83
CA LYS A 395 -6.33 -18.24 -11.42
C LYS A 395 -5.20 -18.09 -10.38
N TRP A 396 -5.30 -17.08 -9.50
CA TRP A 396 -4.35 -16.85 -8.41
C TRP A 396 -4.21 -18.11 -7.63
N GLU A 397 -5.34 -18.74 -7.35
CA GLU A 397 -5.42 -19.91 -6.52
C GLU A 397 -4.72 -21.11 -7.18
N GLU A 398 -4.63 -21.15 -8.51
CA GLU A 398 -4.09 -22.33 -9.19
C GLU A 398 -2.64 -22.42 -8.89
N GLY A 399 -2.23 -23.59 -8.46
CA GLY A 399 -0.80 -23.75 -8.17
C GLY A 399 -0.27 -23.17 -6.90
N SER A 400 -1.11 -22.52 -6.12
CA SER A 400 -0.70 -21.96 -4.85
C SER A 400 -0.65 -23.01 -3.77
N PRO A 401 0.23 -22.77 -2.76
CA PRO A 401 0.38 -23.81 -1.71
C PRO A 401 -0.82 -24.00 -0.76
N THR A 402 -1.75 -23.05 -0.73
CA THR A 402 -3.01 -23.24 -0.04
C THR A 402 -4.13 -22.54 -0.83
N PRO A 403 -5.38 -22.97 -0.63
CA PRO A 403 -6.46 -22.40 -1.43
C PRO A 403 -6.89 -20.97 -1.05
N VAL A 404 -7.66 -20.37 -1.94
CA VAL A 404 -8.24 -19.04 -1.74
C VAL A 404 -9.76 -19.09 -1.53
N LEU A 405 -10.44 -19.78 -2.44
CA LEU A 405 -11.91 -19.86 -2.40
C LEU A 405 -12.43 -20.90 -1.48
N HIS A 406 -13.63 -20.61 -0.99
CA HIS A 406 -14.35 -21.55 -0.10
C HIS A 406 -15.80 -21.21 -0.21
N VAL A 407 -16.67 -22.04 0.43
CA VAL A 407 -18.09 -21.86 0.19
C VAL A 407 -18.61 -20.50 0.68
N GLY A 408 -17.90 -19.84 1.60
CA GLY A 408 -18.27 -18.46 2.01
C GLY A 408 -18.29 -17.48 0.89
N TRP A 409 -17.37 -17.66 -0.05
CA TRP A 409 -17.36 -16.86 -1.27
C TRP A 409 -18.48 -17.20 -2.27
N ALA A 410 -18.88 -18.46 -2.28
CA ALA A 410 -19.85 -18.92 -3.27
C ALA A 410 -21.25 -18.33 -3.09
N THR A 411 -21.68 -18.08 -1.87
CA THR A 411 -22.98 -17.48 -1.69
C THR A 411 -23.04 -16.06 -2.24
N PHE A 412 -21.96 -15.30 -2.08
CA PHE A 412 -21.93 -13.96 -2.62
C PHE A 412 -21.75 -13.92 -4.14
N LEU A 413 -21.03 -14.88 -4.69
CA LEU A 413 -20.96 -15.00 -6.13
C LEU A 413 -22.35 -15.24 -6.74
N VAL A 414 -23.09 -16.19 -6.14
CA VAL A 414 -24.40 -16.50 -6.68
C VAL A 414 -25.28 -15.25 -6.59
N GLN A 415 -25.16 -14.53 -5.49
CA GLN A 415 -26.07 -13.38 -5.33
C GLN A 415 -25.69 -12.28 -6.35
N SER A 416 -24.38 -12.07 -6.51
CA SER A 416 -23.97 -11.06 -7.41
C SER A 416 -24.33 -11.38 -8.87
N LEU A 417 -24.11 -12.61 -9.32
CA LEU A 417 -24.47 -13.01 -10.66
C LEU A 417 -25.95 -12.75 -10.89
N GLY A 418 -26.75 -13.03 -9.88
CA GLY A 418 -28.24 -12.94 -9.93
C GLY A 418 -28.77 -11.50 -10.04
N ARG A 419 -27.96 -10.55 -9.68
CA ARG A 419 -28.29 -9.14 -9.80
C ARG A 419 -28.39 -8.72 -11.26
N PHE A 420 -27.76 -9.46 -12.15
CA PHE A 420 -27.89 -9.23 -13.58
C PHE A 420 -28.94 -10.14 -14.17
N GLU A 421 -29.85 -9.58 -14.96
CA GLU A 421 -30.86 -10.41 -15.56
C GLU A 421 -30.25 -11.35 -16.61
N GLY A 422 -30.92 -12.47 -16.88
CA GLY A 422 -30.37 -13.46 -17.83
C GLY A 422 -30.13 -12.87 -19.20
N GLN A 423 -31.02 -11.97 -19.67
CA GLN A 423 -30.82 -11.31 -20.95
C GLN A 423 -29.59 -10.41 -21.05
N VAL A 424 -29.12 -9.90 -19.94
CA VAL A 424 -27.84 -9.20 -19.89
C VAL A 424 -26.70 -10.15 -19.88
N ARG A 425 -26.78 -11.16 -19.02
CA ARG A 425 -25.69 -12.14 -18.89
C ARG A 425 -25.42 -12.95 -20.17
N GLN A 426 -26.50 -13.16 -20.93
N GLN A 426 -26.48 -13.15 -20.95
CA GLN A 426 -26.46 -13.83 -22.22
CA GLN A 426 -26.37 -13.84 -22.23
C GLN A 426 -25.57 -13.11 -23.23
C GLN A 426 -25.62 -13.09 -23.32
N LYS A 427 -25.45 -11.77 -23.15
CA LYS A 427 -24.74 -11.01 -24.13
C LYS A 427 -23.24 -11.05 -24.00
N VAL A 428 -22.72 -11.62 -22.94
CA VAL A 428 -21.24 -11.72 -22.87
C VAL A 428 -20.80 -12.97 -23.61
N ARG A 429 -19.90 -12.84 -24.57
CA ARG A 429 -19.40 -14.03 -25.28
C ARG A 429 -18.07 -14.40 -24.63
N ILE A 430 -18.00 -15.64 -24.19
CA ILE A 430 -16.83 -16.13 -23.50
C ILE A 430 -16.12 -16.96 -24.54
N VAL A 431 -14.94 -16.50 -24.89
CA VAL A 431 -14.15 -17.14 -25.95
C VAL A 431 -12.97 -17.86 -25.37
N SER A 432 -12.62 -18.94 -26.04
CA SER A 432 -11.60 -19.87 -25.66
C SER A 432 -10.34 -19.43 -26.34
N VAL A 433 -9.28 -19.33 -25.58
CA VAL A 433 -7.94 -19.34 -26.16
C VAL A 433 -7.63 -20.81 -26.49
N PRO A 434 -7.67 -21.19 -27.77
CA PRO A 434 -7.26 -22.55 -28.08
C PRO A 434 -6.22 -23.06 -27.07
CA ALA A 435 -20.46 -7.50 -28.86
C ALA A 435 -19.39 -7.77 -27.79
N PRO A 436 -19.80 -7.75 -26.52
CA PRO A 436 -18.86 -7.97 -25.39
C PRO A 436 -18.15 -9.32 -25.44
N VAL A 437 -16.87 -9.34 -25.03
CA VAL A 437 -16.14 -10.58 -25.14
C VAL A 437 -15.11 -10.74 -24.05
N LEU A 438 -15.01 -11.97 -23.54
CA LEU A 438 -14.15 -12.24 -22.42
C LEU A 438 -13.45 -13.59 -22.63
N THR A 439 -12.16 -13.67 -22.28
CA THR A 439 -11.47 -14.98 -22.20
C THR A 439 -11.15 -15.35 -20.76
N PHE A 440 -11.46 -16.57 -20.32
CA PHE A 440 -11.09 -16.95 -18.99
C PHE A 440 -9.73 -17.59 -18.96
N GLN A 441 -8.95 -17.26 -17.94
CA GLN A 441 -7.67 -17.88 -17.71
C GLN A 441 -7.76 -19.04 -16.75
N SER A 442 -8.75 -19.01 -15.88
CA SER A 442 -8.82 -20.04 -14.83
C SER A 442 -9.67 -21.23 -15.26
N GLU A 443 -9.28 -22.45 -14.86
CA GLU A 443 -10.16 -23.59 -15.10
C GLU A 443 -11.44 -23.50 -14.37
N LYS A 444 -11.48 -22.97 -13.15
CA LYS A 444 -12.74 -22.85 -12.48
C LYS A 444 -13.79 -22.08 -13.27
N MET A 445 -13.43 -20.92 -13.78
CA MET A 445 -14.42 -20.14 -14.49
C MET A 445 -14.72 -20.77 -15.86
N LYS A 446 -13.75 -21.45 -16.51
CA LYS A 446 -14.06 -22.07 -17.80
C LYS A 446 -15.18 -23.09 -17.60
N GLY A 447 -15.08 -23.84 -16.51
CA GLY A 447 -16.15 -24.83 -16.26
C GLY A 447 -17.47 -24.27 -15.83
N MET A 448 -17.47 -23.03 -15.41
CA MET A 448 -18.67 -22.34 -14.92
C MET A 448 -19.44 -21.71 -16.06
N LYS A 449 -18.86 -21.68 -17.25
CA LYS A 449 -19.36 -20.85 -18.35
C LYS A 449 -20.83 -21.15 -18.68
N GLU A 450 -21.19 -22.42 -18.84
CA GLU A 450 -22.59 -22.69 -19.17
C GLU A 450 -23.58 -22.26 -18.08
N LEU A 451 -23.15 -22.32 -16.83
CA LEU A 451 -24.01 -21.90 -15.74
C LEU A 451 -24.28 -20.40 -15.68
N LEU A 452 -23.44 -19.62 -16.34
CA LEU A 452 -23.52 -18.15 -16.25
C LEU A 452 -24.62 -17.44 -16.99
N VAL A 453 -25.40 -18.11 -17.84
CA VAL A 453 -26.48 -17.44 -18.60
C VAL A 453 -27.96 -17.83 -18.27
N ALA A 454 -28.15 -19.01 -17.70
CA ALA A 454 -29.49 -19.49 -17.36
C ALA A 454 -30.28 -18.39 -16.68
N THR A 455 -31.60 -18.40 -16.87
CA THR A 455 -32.46 -17.37 -16.34
C THR A 455 -32.42 -17.38 -14.83
N LYS A 456 -32.38 -18.58 -14.26
CA LYS A 456 -32.20 -18.78 -12.84
C LYS A 456 -30.89 -19.49 -12.73
N ILE A 457 -30.03 -18.88 -11.98
CA ILE A 457 -28.70 -19.38 -11.75
C ILE A 457 -28.82 -20.64 -10.89
N ASN A 458 -28.13 -21.72 -11.30
CA ASN A 458 -28.09 -22.96 -10.54
C ASN A 458 -27.11 -22.78 -9.40
N SER A 459 -27.62 -22.39 -8.25
CA SER A 459 -26.78 -21.98 -7.16
C SER A 459 -25.92 -23.15 -6.64
N SER A 460 -26.53 -24.33 -6.52
N SER A 460 -26.54 -24.33 -6.51
CA SER A 460 -25.79 -25.49 -6.06
CA SER A 460 -25.78 -25.50 -6.05
C SER A 460 -24.62 -25.88 -7.00
C SER A 460 -24.60 -25.85 -7.01
N ALA A 461 -24.85 -25.83 -8.32
CA ALA A 461 -23.82 -26.20 -9.29
C ALA A 461 -22.73 -25.15 -9.25
N ILE A 462 -23.09 -23.86 -9.16
CA ILE A 462 -22.06 -22.81 -9.01
C ILE A 462 -21.15 -23.00 -7.84
N LYS A 463 -21.73 -23.26 -6.67
CA LYS A 463 -21.01 -23.62 -5.43
C LYS A 463 -20.06 -24.75 -5.64
N LEU A 464 -20.51 -25.78 -6.33
CA LEU A 464 -19.65 -26.94 -6.52
C LEU A 464 -18.42 -26.56 -7.40
N GLN A 465 -18.68 -25.75 -8.39
CA GLN A 465 -17.66 -25.41 -9.34
C GLN A 465 -16.67 -24.42 -8.74
N LEU A 466 -17.13 -23.52 -7.88
CA LEU A 466 -16.18 -22.52 -7.34
C LEU A 466 -15.30 -23.11 -6.25
N THR A 467 -15.76 -24.14 -5.56
CA THR A 467 -15.06 -24.67 -4.41
C THR A 467 -14.46 -26.04 -4.65
N ALA A 468 -14.69 -26.58 -5.85
CA ALA A 468 -14.25 -27.89 -6.22
C ALA A 468 -14.73 -28.91 -5.16
N GLN A 469 -15.98 -28.75 -4.74
CA GLN A 469 -16.56 -29.63 -3.75
C GLN A 469 -16.98 -30.82 -4.58
N SER A 470 -16.57 -32.00 -4.15
CA SER A 470 -16.67 -33.18 -5.00
C SER A 470 -18.17 -33.65 -4.95
N GLN A 471 -18.79 -33.44 -3.79
CA GLN A 471 -20.00 -34.20 -3.41
C GLN A 471 -21.10 -33.34 -2.79
N VAL A 472 -22.36 -33.82 -2.92
CA VAL A 472 -23.51 -33.18 -2.25
C VAL A 472 -24.00 -34.08 -1.10
N GLN A 473 -24.80 -33.52 -0.18
CA GLN A 473 -25.33 -34.23 1.01
C GLN A 473 -25.85 -35.65 0.70
N MET A 474 -25.49 -36.61 1.56
CA MET A 474 -25.89 -38.03 1.40
C MET A 474 -27.40 -38.22 1.49
N LYS A 475 -27.99 -38.00 2.66
CA LYS A 475 -29.43 -38.17 2.89
C LYS A 475 -30.27 -37.09 2.21
CAJ 2S7 B . -7.31 1.46 -1.54
CAH 2S7 B . -8.51 1.13 -2.20
CAY 2S7 B . -9.15 -0.06 -1.98
CAC 2S7 B . -10.37 -0.46 -2.71
NAA 2S7 B . -11.27 -0.77 -3.24
CAI 2S7 B . -8.67 -0.96 -1.06
CAK 2S7 B . -7.49 -0.65 -0.38
CAZ 2S7 B . -6.83 0.57 -0.63
OAX 2S7 B . -5.67 0.83 0.06
CAO 2S7 B . -5.01 2.08 -0.24
CAN 2S7 B . -3.91 2.17 0.84
CAT 2S7 B . -2.81 1.20 0.47
NBD 2S7 B . -1.77 1.20 1.58
CAV 2S7 B . -0.91 2.44 1.67
CAS 2S7 B . -0.07 2.43 2.92
CAU 2S7 B . -0.86 0.08 1.34
CAR 2S7 B . 0.27 -0.04 2.40
CBC 2S7 B . 1.00 1.30 2.68
CBE 2S7 B . 2.03 1.16 3.85
CBB 2S7 B . 3.05 -0.01 3.58
CAP 2S7 B . 3.91 0.06 2.33
CAL 2S7 B . 4.83 -1.10 2.50
CAM 2S7 B . 5.14 -1.09 4.03
CAQ 2S7 B . 4.16 -0.16 4.66
OAB 2S7 B . 1.31 0.80 5.02
CBA 2S7 B . 2.72 2.42 4.10
NAW 2S7 B . 3.13 3.13 3.02
CAF 2S7 B . 3.82 4.33 3.20
CAD 2S7 B . 4.06 4.83 4.47
CAE 2S7 B . 3.63 4.10 5.58
CAG 2S7 B . 2.94 2.91 5.39
S SO4 C . 0.74 0.66 24.46
O1 SO4 C . 0.70 0.68 22.98
O2 SO4 C . 0.72 -0.74 24.94
O3 SO4 C . 2.02 1.28 24.90
O4 SO4 C . -0.42 1.43 24.96
S SO4 D . 11.50 33.95 12.96
O1 SO4 D . 10.39 33.02 12.68
O2 SO4 D . 12.72 33.43 12.26
O3 SO4 D . 11.69 34.04 14.43
O4 SO4 D . 11.20 35.30 12.40
O1 PG4 E . -10.28 -13.00 6.39
C1 PG4 E . -11.36 -12.30 5.75
C2 PG4 E . -12.70 -12.67 6.41
O2 PG4 E . -13.00 -14.08 6.18
C3 PG4 E . -14.13 -14.38 6.96
C4 PG4 E . -14.40 -15.85 6.77
O3 PG4 E . -13.39 -16.62 7.44
C5 PG4 E . -13.68 -17.96 7.46
C6 PG4 E . -12.32 -18.69 7.54
O4 PG4 E . -11.51 -18.33 6.41
C7 PG4 E . -10.23 -18.93 6.43
C8 PG4 E . -9.72 -18.95 4.96
O5 PG4 E . -8.62 -18.05 4.87
C1 PEG F . 9.91 -5.89 19.28
O1 PEG F . 10.26 -5.73 20.65
C2 PEG F . 8.48 -6.35 19.26
O2 PEG F . 7.98 -6.37 17.92
C3 PEG F . 8.31 -7.54 17.22
C4 PEG F . 7.22 -8.56 17.53
O4 PEG F . 6.10 -8.28 16.72
S DMS G . 4.06 22.97 21.80
O DMS G . 3.30 23.55 20.68
C1 DMS G . 3.01 22.06 22.79
C2 DMS G . 5.18 21.86 21.18
S DMS H . -23.39 2.97 -12.89
O DMS H . -22.11 2.38 -13.58
C1 DMS H . -24.63 1.84 -12.45
C2 DMS H . -23.31 3.72 -11.37
S DMS I . 18.48 -6.10 -6.21
O DMS I . 17.39 -5.77 -7.15
C1 DMS I . 18.29 -5.09 -4.83
C2 DMS I . 18.18 -7.61 -5.44
C TBF J . -3.14 0.60 5.14
O1 TBF J . -2.94 1.75 5.44
O TBF J . -3.19 0.24 3.74
#